data_2CZL
#
_entry.id   2CZL
#
_cell.length_a   60.236
_cell.length_b   60.236
_cell.length_c   171.276
_cell.angle_alpha   90.00
_cell.angle_beta   90.00
_cell.angle_gamma   90.00
#
_symmetry.space_group_name_H-M   'P 43 21 2'
#
loop_
_entity.id
_entity.type
_entity.pdbx_description
1 polymer 'hypothetical protein TTHA1568'
2 non-polymer 'POTASSIUM ION'
3 non-polymer 'L(+)-TARTARIC ACID'
4 non-polymer 3,6,9,12,15,18,21,24,27-NONAOXANONACOSANE-1,29-DIOL
5 water water
#
_entity_poly.entity_id   1
_entity_poly.type   'polypeptide(L)'
_entity_poly.pdbx_seq_one_letter_code
;MEALRLGFSP(CME)PNDTFIFYALVHGRVESPVPLEPVLEDVETLNRWALEGRLPLTKLSYAAYAQVRDRYVALRSGGA
LGRGVGPLVVARGPLQALEGLRVAVPGRHTTAYFLLSLYAQGFVPVEVRYDRILPMVAQGEVEAGLIIHESRFTYPRYGL
VQVVDLGAWWEERTGLPLPLGAILARRDLGEGLIRALDEAVRRSVAYALAHPEEALDYMRAHAQELSDEVIWAHVHTYVN
AFSLDVGEEGERAVARLFAEAEARGLAAPSPRPLFV
;
_entity_poly.pdbx_strand_id   A
#
# COMPACT_ATOMS: atom_id res chain seq x y z
N ALA A 3 3.16 17.24 -18.99
CA ALA A 3 2.60 16.23 -18.02
C ALA A 3 3.68 15.54 -17.18
N LEU A 4 3.32 15.21 -15.95
CA LEU A 4 4.24 14.54 -15.00
C LEU A 4 3.81 13.07 -14.85
N ARG A 5 4.75 12.14 -14.89
CA ARG A 5 4.42 10.72 -14.73
C ARG A 5 4.07 10.43 -13.27
N LEU A 6 2.97 9.72 -13.11
CA LEU A 6 2.42 9.39 -11.81
C LEU A 6 2.21 7.88 -11.70
N GLY A 7 2.97 7.23 -10.85
CA GLY A 7 2.79 5.80 -10.72
C GLY A 7 1.86 5.36 -9.59
N PHE A 8 1.03 4.36 -9.89
CA PHE A 8 0.17 3.75 -8.89
C PHE A 8 -0.25 2.36 -9.37
N SER A 9 -0.89 1.58 -8.50
CA SER A 9 -1.30 0.23 -8.86
C SER A 9 -2.66 0.21 -9.50
N PRO A 10 -2.94 -0.85 -10.27
CA PRO A 10 -4.26 -0.96 -10.92
C PRO A 10 -5.36 -1.47 -9.98
N PRO A 12 -8.33 -1.31 -7.17
CA PRO A 12 -9.43 -0.35 -6.97
C PRO A 12 -9.19 0.83 -6.06
N ASN A 13 -8.40 0.65 -5.00
CA ASN A 13 -8.20 1.78 -4.12
C ASN A 13 -7.42 2.88 -4.81
N ASP A 14 -6.38 2.52 -5.57
CA ASP A 14 -5.59 3.54 -6.26
C ASP A 14 -6.34 4.14 -7.45
N THR A 15 -7.02 3.31 -8.24
CA THR A 15 -7.76 3.87 -9.36
C THR A 15 -8.92 4.76 -8.86
N PHE A 16 -9.50 4.42 -7.71
CA PHE A 16 -10.56 5.23 -7.12
C PHE A 16 -9.99 6.58 -6.70
N ILE A 17 -8.90 6.54 -5.94
CA ILE A 17 -8.25 7.77 -5.44
C ILE A 17 -7.80 8.72 -6.55
N PHE A 18 -7.24 8.18 -7.63
CA PHE A 18 -6.72 9.01 -8.70
C PHE A 18 -7.67 9.27 -9.87
N TYR A 19 -8.81 8.61 -9.89
CA TYR A 19 -9.79 8.78 -10.96
C TYR A 19 -10.03 10.26 -11.34
N ALA A 20 -10.41 11.06 -10.36
CA ALA A 20 -10.75 12.46 -10.65
C ALA A 20 -9.58 13.23 -11.23
N LEU A 21 -8.40 13.08 -10.63
CA LEU A 21 -7.22 13.79 -11.12
C LEU A 21 -6.89 13.41 -12.56
N VAL A 22 -6.89 12.11 -12.86
CA VAL A 22 -6.57 11.58 -14.18
C VAL A 22 -7.61 11.91 -15.27
N HIS A 23 -8.84 12.17 -14.87
CA HIS A 23 -9.89 12.49 -15.83
C HIS A 23 -10.30 13.96 -15.84
N GLY A 24 -9.48 14.79 -15.21
CA GLY A 24 -9.76 16.22 -15.18
C GLY A 24 -11.00 16.64 -14.41
N ARG A 25 -11.44 15.82 -13.45
CA ARG A 25 -12.63 16.14 -12.68
C ARG A 25 -12.33 17.05 -11.47
N VAL A 26 -11.05 17.19 -11.14
CA VAL A 26 -10.61 18.14 -10.11
C VAL A 26 -9.41 18.86 -10.70
N GLU A 27 -9.12 20.05 -10.20
CA GLU A 27 -7.99 20.80 -10.72
C GLU A 27 -6.68 20.19 -10.26
N SER A 28 -5.69 20.23 -11.14
CA SER A 28 -4.33 19.75 -10.87
C SER A 28 -3.34 20.85 -11.25
N PRO A 29 -2.23 21.03 -10.49
CA PRO A 29 -1.27 22.09 -10.85
C PRO A 29 -0.52 21.82 -12.15
N VAL A 30 -0.44 20.57 -12.56
CA VAL A 30 0.22 20.15 -13.79
C VAL A 30 -0.54 18.93 -14.30
N PRO A 31 -0.43 18.65 -15.60
CA PRO A 31 -1.13 17.48 -16.13
C PRO A 31 -0.39 16.20 -15.67
N LEU A 32 -1.11 15.09 -15.52
CA LEU A 32 -0.48 13.86 -15.06
C LEU A 32 -0.63 12.71 -16.03
N GLU A 33 0.42 11.90 -16.13
CA GLU A 33 0.47 10.74 -17.01
C GLU A 33 0.54 9.50 -16.14
N PRO A 34 -0.60 8.83 -15.95
CA PRO A 34 -0.56 7.63 -15.10
C PRO A 34 0.27 6.49 -15.65
N VAL A 35 1.00 5.83 -14.75
CA VAL A 35 1.82 4.67 -15.08
C VAL A 35 1.37 3.61 -14.08
N LEU A 36 0.61 2.62 -14.54
CA LEU A 36 0.09 1.59 -13.64
C LEU A 36 0.99 0.36 -13.59
N GLU A 37 1.44 0.02 -12.39
CA GLU A 37 2.33 -1.10 -12.17
C GLU A 37 2.04 -1.81 -10.85
N ASP A 38 2.60 -3.01 -10.71
CA ASP A 38 2.54 -3.78 -9.47
C ASP A 38 3.27 -2.92 -8.40
N VAL A 39 2.87 -3.02 -7.13
CA VAL A 39 3.49 -2.15 -6.15
C VAL A 39 4.98 -2.42 -5.95
N GLU A 40 5.41 -3.65 -6.08
CA GLU A 40 6.82 -3.92 -5.89
C GLU A 40 7.62 -3.34 -7.06
N THR A 41 7.03 -3.25 -8.25
CA THR A 41 7.74 -2.61 -9.37
C THR A 41 7.93 -1.14 -8.98
N LEU A 42 6.88 -0.50 -8.47
CA LEU A 42 7.01 0.90 -8.06
C LEU A 42 8.06 1.05 -6.94
N ASN A 43 8.07 0.08 -6.01
CA ASN A 43 9.02 0.12 -4.90
C ASN A 43 10.45 0.08 -5.43
N ARG A 44 10.71 -0.82 -6.37
CA ARG A 44 12.06 -0.93 -6.95
C ARG A 44 12.42 0.35 -7.70
N TRP A 45 11.48 0.88 -8.47
CA TRP A 45 11.73 2.09 -9.23
C TRP A 45 12.10 3.25 -8.33
N ALA A 46 11.46 3.36 -7.19
CA ALA A 46 11.77 4.48 -6.28
C ALA A 46 13.20 4.46 -5.75
N LEU A 47 13.78 3.27 -5.63
CA LEU A 47 15.16 3.17 -5.14
C LEU A 47 16.07 3.89 -6.13
N GLU A 48 15.62 4.00 -7.37
CA GLU A 48 16.37 4.65 -8.43
C GLU A 48 15.84 6.05 -8.72
N GLY A 49 14.81 6.46 -7.99
CA GLY A 49 14.22 7.77 -8.19
C GLY A 49 13.64 7.96 -9.57
N ARG A 50 13.12 6.89 -10.14
CA ARG A 50 12.59 6.97 -11.48
C ARG A 50 11.44 7.92 -11.75
N LEU A 51 10.38 7.81 -10.96
CA LEU A 51 9.19 8.64 -11.16
C LEU A 51 9.12 9.91 -10.32
N PRO A 52 8.55 10.99 -10.88
CA PRO A 52 8.46 12.20 -10.07
C PRO A 52 7.36 12.14 -8.99
N LEU A 53 6.39 11.27 -9.20
CA LEU A 53 5.26 11.13 -8.26
C LEU A 53 4.91 9.65 -8.29
N THR A 54 4.74 9.06 -7.11
CA THR A 54 4.46 7.63 -7.10
C THR A 54 3.87 7.11 -5.78
N LYS A 55 2.93 6.19 -5.91
CA LYS A 55 2.42 5.49 -4.75
C LYS A 55 3.60 4.56 -4.39
N LEU A 56 3.81 4.32 -3.10
CA LEU A 56 4.90 3.47 -2.64
C LEU A 56 4.53 2.83 -1.32
N SER A 57 5.05 1.64 -1.08
CA SER A 57 4.83 1.04 0.22
C SER A 57 5.46 1.95 1.26
N TYR A 58 4.81 2.12 2.41
CA TYR A 58 5.41 2.94 3.44
C TYR A 58 6.77 2.40 3.87
N ALA A 59 6.94 1.08 3.91
CA ALA A 59 8.25 0.56 4.32
C ALA A 59 9.32 0.99 3.33
N ALA A 60 8.98 1.00 2.04
CA ALA A 60 9.93 1.40 1.01
C ALA A 60 10.25 2.90 1.12
N TYR A 61 9.26 3.71 1.50
CA TYR A 61 9.50 5.15 1.66
C TYR A 61 10.65 5.39 2.65
N ALA A 62 10.74 4.55 3.68
CA ALA A 62 11.80 4.72 4.67
C ALA A 62 13.18 4.58 4.03
N GLN A 63 13.27 4.00 2.84
CA GLN A 63 14.53 3.80 2.11
C GLN A 63 14.90 4.94 1.16
N VAL A 64 13.95 5.80 0.85
CA VAL A 64 14.14 6.87 -0.12
C VAL A 64 13.80 8.31 0.33
N ARG A 65 13.91 8.56 1.63
CA ARG A 65 13.60 9.87 2.20
C ARG A 65 14.43 11.04 1.69
N ASP A 66 15.65 10.79 1.25
CA ASP A 66 16.42 11.92 0.75
C ASP A 66 16.05 12.24 -0.69
N ARG A 67 15.28 11.37 -1.32
CA ARG A 67 14.87 11.57 -2.70
C ARG A 67 13.40 12.01 -2.81
N TYR A 68 12.60 11.52 -1.86
CA TYR A 68 11.15 11.75 -1.85
C TYR A 68 10.60 12.24 -0.50
N VAL A 69 9.45 12.89 -0.56
CA VAL A 69 8.72 13.33 0.61
C VAL A 69 7.29 12.81 0.38
N ALA A 70 6.62 12.47 1.47
CA ALA A 70 5.24 11.96 1.36
C ALA A 70 4.18 13.06 1.40
N LEU A 71 3.21 12.95 0.53
CA LEU A 71 2.07 13.85 0.58
C LEU A 71 1.25 13.43 1.82
N ARG A 72 0.47 14.34 2.38
CA ARG A 72 -0.38 13.99 3.51
C ARG A 72 -1.61 13.22 3.02
N SER A 73 -1.95 13.38 1.74
CA SER A 73 -3.15 12.72 1.20
C SER A 73 -2.85 11.59 0.23
N GLY A 74 -3.87 10.81 -0.06
CA GLY A 74 -3.80 9.74 -1.06
C GLY A 74 -3.33 8.38 -0.64
N GLY A 75 -2.90 8.24 0.60
CA GLY A 75 -2.36 6.97 1.05
C GLY A 75 -3.36 5.96 1.58
N ALA A 76 -2.81 4.86 2.04
CA ALA A 76 -3.60 3.78 2.65
C ALA A 76 -2.98 3.49 4.02
N LEU A 77 -3.79 3.75 5.05
CA LEU A 77 -3.41 3.52 6.45
C LEU A 77 -4.68 3.14 7.20
N GLY A 78 -4.55 2.43 8.31
CA GLY A 78 -5.76 2.15 9.06
C GLY A 78 -5.65 0.94 9.94
N ARG A 79 -6.69 0.67 10.73
CA ARG A 79 -6.66 -0.50 11.62
C ARG A 79 -7.13 -1.81 10.97
N GLY A 80 -8.01 -1.71 9.98
CA GLY A 80 -8.51 -2.91 9.34
C GLY A 80 -8.04 -3.07 7.90
N VAL A 81 -6.80 -2.70 7.60
CA VAL A 81 -6.28 -2.82 6.22
C VAL A 81 -5.03 -3.68 6.17
N GLY A 82 -4.75 -4.35 7.28
CA GLY A 82 -3.54 -5.13 7.35
C GLY A 82 -3.45 -6.34 6.48
N PRO A 83 -2.23 -6.62 6.04
CA PRO A 83 -1.97 -7.78 5.19
C PRO A 83 -2.22 -8.98 6.09
N LEU A 84 -2.65 -10.10 5.50
CA LEU A 84 -2.90 -11.30 6.27
C LEU A 84 -1.90 -12.38 5.90
N VAL A 85 -1.72 -13.34 6.80
CA VAL A 85 -0.93 -14.52 6.45
C VAL A 85 -2.01 -15.61 6.43
N VAL A 86 -2.07 -16.40 5.35
CA VAL A 86 -3.07 -17.48 5.23
C VAL A 86 -2.40 -18.80 4.93
N ALA A 87 -3.11 -19.89 5.18
CA ALA A 87 -2.58 -21.22 4.98
C ALA A 87 -3.72 -22.19 4.71
N ARG A 88 -3.39 -23.42 4.35
CA ARG A 88 -4.43 -24.40 4.05
C ARG A 88 -5.15 -24.88 5.30
N GLY A 89 -4.50 -24.70 6.44
CA GLY A 89 -5.08 -25.09 7.72
C GLY A 89 -4.26 -24.41 8.81
N PRO A 90 -4.63 -24.54 10.09
CA PRO A 90 -3.86 -23.89 11.15
C PRO A 90 -2.41 -24.34 11.22
N LEU A 91 -1.56 -23.39 11.61
CA LEU A 91 -0.13 -23.62 11.76
C LEU A 91 0.27 -23.15 13.16
N GLN A 92 1.14 -23.92 13.80
CA GLN A 92 1.60 -23.61 15.15
C GLN A 92 2.54 -22.40 15.10
N ALA A 93 3.32 -22.34 14.03
CA ALA A 93 4.31 -21.27 13.82
C ALA A 93 4.75 -21.27 12.37
N LEU A 94 5.43 -20.20 11.95
CA LEU A 94 5.93 -20.10 10.59
C LEU A 94 7.37 -20.60 10.49
N GLU A 95 7.93 -21.04 11.61
CA GLU A 95 9.30 -21.55 11.65
C GLU A 95 9.58 -22.63 10.60
N GLY A 96 10.58 -22.39 9.74
CA GLY A 96 10.97 -23.37 8.73
C GLY A 96 10.03 -23.58 7.57
N LEU A 97 9.01 -22.73 7.46
CA LEU A 97 8.04 -22.89 6.40
C LEU A 97 8.26 -21.91 5.26
N ARG A 98 7.90 -22.34 4.05
CA ARG A 98 8.01 -21.44 2.91
C ARG A 98 6.76 -20.57 2.91
N VAL A 99 6.95 -19.26 2.80
CA VAL A 99 5.86 -18.30 2.76
C VAL A 99 5.95 -17.49 1.47
N ALA A 100 4.92 -17.56 0.63
CA ALA A 100 4.95 -16.76 -0.59
C ALA A 100 4.66 -15.31 -0.16
N VAL A 101 5.45 -14.36 -0.68
CA VAL A 101 5.31 -12.95 -0.30
C VAL A 101 5.23 -12.11 -1.58
N PRO A 102 4.51 -10.97 -1.54
CA PRO A 102 4.32 -10.10 -2.71
C PRO A 102 5.40 -9.11 -3.08
N GLY A 103 6.50 -9.09 -2.34
CA GLY A 103 7.57 -8.15 -2.65
C GLY A 103 8.33 -7.84 -1.38
N ARG A 104 9.65 -7.96 -1.43
CA ARG A 104 10.46 -7.72 -0.24
C ARG A 104 10.43 -6.30 0.28
N HIS A 105 10.05 -5.35 -0.57
CA HIS A 105 10.02 -3.95 -0.13
C HIS A 105 8.68 -3.51 0.38
N THR A 106 7.68 -4.40 0.35
CA THR A 106 6.37 -4.01 0.83
C THR A 106 6.26 -3.84 2.33
N THR A 107 5.26 -3.09 2.76
CA THR A 107 5.01 -2.94 4.18
C THR A 107 4.57 -4.32 4.68
N ALA A 108 3.84 -5.08 3.86
CA ALA A 108 3.44 -6.43 4.29
C ALA A 108 4.67 -7.26 4.68
N TYR A 109 5.70 -7.24 3.84
CA TYR A 109 6.88 -8.03 4.11
C TYR A 109 7.56 -7.55 5.36
N PHE A 110 7.66 -6.23 5.51
CA PHE A 110 8.26 -5.69 6.73
C PHE A 110 7.50 -6.18 7.97
N LEU A 111 6.16 -6.09 7.94
CA LEU A 111 5.38 -6.53 9.08
C LEU A 111 5.54 -8.01 9.35
N LEU A 112 5.55 -8.84 8.31
CA LEU A 112 5.72 -10.27 8.50
C LEU A 112 7.07 -10.52 9.17
N SER A 113 8.09 -9.74 8.79
CA SER A 113 9.44 -9.89 9.37
C SER A 113 9.49 -9.45 10.83
N LEU A 114 8.61 -8.54 11.25
CA LEU A 114 8.52 -8.15 12.67
C LEU A 114 7.84 -9.27 13.46
N TYR A 115 6.83 -9.86 12.84
CA TYR A 115 6.04 -10.92 13.43
C TYR A 115 6.74 -12.28 13.62
N ALA A 116 7.54 -12.67 12.65
CA ALA A 116 8.24 -13.96 12.69
C ALA A 116 9.61 -13.89 11.99
N GLN A 117 10.59 -14.69 12.43
CA GLN A 117 11.86 -14.64 11.71
C GLN A 117 12.42 -15.97 11.22
N GLY A 118 11.68 -17.05 11.34
CA GLY A 118 12.27 -18.30 10.87
C GLY A 118 11.70 -18.83 9.57
N PHE A 119 10.98 -18.02 8.82
CA PHE A 119 10.39 -18.50 7.58
C PHE A 119 11.31 -18.34 6.37
N VAL A 120 10.93 -19.00 5.28
CA VAL A 120 11.68 -18.94 4.02
C VAL A 120 10.79 -18.21 3.02
N PRO A 121 11.15 -16.97 2.65
CA PRO A 121 10.32 -16.24 1.69
C PRO A 121 10.48 -16.64 0.24
N VAL A 122 9.36 -16.70 -0.48
CA VAL A 122 9.34 -16.99 -1.93
C VAL A 122 8.65 -15.74 -2.52
N GLU A 123 9.41 -14.91 -3.23
CA GLU A 123 8.89 -13.65 -3.76
C GLU A 123 8.22 -13.80 -5.12
N VAL A 124 6.95 -13.44 -5.19
CA VAL A 124 6.16 -13.57 -6.43
C VAL A 124 5.17 -12.43 -6.55
N ARG A 125 4.55 -12.30 -7.72
CA ARG A 125 3.49 -11.30 -7.89
C ARG A 125 2.36 -11.73 -6.94
N TYR A 126 1.67 -10.74 -6.36
CA TYR A 126 0.65 -11.02 -5.36
C TYR A 126 -0.48 -11.95 -5.81
N ASP A 127 -0.79 -11.96 -7.11
CA ASP A 127 -1.87 -12.81 -7.61
C ASP A 127 -1.51 -14.29 -7.74
N ARG A 128 -0.24 -14.63 -7.48
CA ARG A 128 0.18 -16.04 -7.51
C ARG A 128 0.10 -16.67 -6.11
N ILE A 129 -0.06 -15.84 -5.07
CA ILE A 129 0.00 -16.35 -3.71
C ILE A 129 -1.10 -17.30 -3.27
N LEU A 130 -2.36 -16.94 -3.49
CA LEU A 130 -3.44 -17.85 -3.08
C LEU A 130 -3.32 -19.20 -3.82
N PRO A 131 -3.12 -19.20 -5.16
CA PRO A 131 -3.01 -20.52 -5.79
C PRO A 131 -1.78 -21.30 -5.31
N MET A 132 -0.64 -20.64 -5.12
CA MET A 132 0.54 -21.35 -4.61
C MET A 132 0.27 -22.00 -3.26
N VAL A 133 -0.42 -21.30 -2.37
CA VAL A 133 -0.71 -21.89 -1.08
C VAL A 133 -1.68 -23.07 -1.24
N ALA A 134 -2.74 -22.87 -1.98
CA ALA A 134 -3.74 -23.93 -2.16
C ALA A 134 -3.15 -25.17 -2.83
N GLN A 135 -2.22 -24.97 -3.74
CA GLN A 135 -1.60 -26.07 -4.49
C GLN A 135 -0.43 -26.73 -3.76
N GLY A 136 -0.09 -26.21 -2.59
CA GLY A 136 0.97 -26.80 -1.80
C GLY A 136 2.39 -26.43 -2.21
N GLU A 137 2.55 -25.39 -3.02
CA GLU A 137 3.89 -24.97 -3.43
C GLU A 137 4.63 -24.23 -2.30
N VAL A 138 3.87 -23.72 -1.34
CA VAL A 138 4.43 -23.07 -0.14
C VAL A 138 3.46 -23.48 0.97
N GLU A 139 3.87 -23.23 2.22
CA GLU A 139 3.06 -23.60 3.38
C GLU A 139 2.16 -22.46 3.88
N ALA A 140 2.47 -21.23 3.49
CA ALA A 140 1.63 -20.09 3.90
C ALA A 140 1.86 -18.96 2.90
N GLY A 141 0.97 -17.98 2.92
CA GLY A 141 1.10 -16.86 2.00
C GLY A 141 0.78 -15.54 2.69
N LEU A 142 1.56 -14.51 2.34
CA LEU A 142 1.38 -13.15 2.87
C LEU A 142 0.59 -12.45 1.76
N ILE A 143 -0.67 -12.10 2.04
CA ILE A 143 -1.56 -11.56 1.02
C ILE A 143 -1.94 -10.11 1.18
N ILE A 144 -2.13 -9.46 0.03
CA ILE A 144 -2.49 -8.05 -0.02
C ILE A 144 -3.59 -7.81 -1.05
N HIS A 145 -3.95 -6.55 -1.23
CA HIS A 145 -4.98 -6.16 -2.18
C HIS A 145 -6.31 -6.89 -1.93
N GLU A 146 -6.96 -7.39 -2.98
CA GLU A 146 -8.27 -8.00 -2.80
C GLU A 146 -8.26 -9.42 -2.25
N SER A 147 -7.07 -10.00 -2.11
CA SER A 147 -6.97 -11.36 -1.58
C SER A 147 -7.60 -11.52 -0.20
N ARG A 148 -7.66 -10.45 0.60
CA ARG A 148 -8.26 -10.57 1.92
C ARG A 148 -9.76 -10.91 1.83
N PHE A 149 -10.37 -10.68 0.67
CA PHE A 149 -11.81 -10.98 0.53
C PHE A 149 -12.06 -12.33 -0.10
N THR A 150 -11.09 -12.83 -0.86
CA THR A 150 -11.31 -14.04 -1.62
C THR A 150 -10.62 -15.30 -1.15
N TYR A 151 -9.73 -15.19 -0.17
CA TYR A 151 -8.98 -16.36 0.22
C TYR A 151 -9.79 -17.60 0.61
N PRO A 152 -10.99 -17.43 1.22
CA PRO A 152 -11.74 -18.64 1.55
C PRO A 152 -12.12 -19.45 0.30
N ARG A 153 -12.20 -18.81 -0.88
CA ARG A 153 -12.53 -19.55 -2.12
C ARG A 153 -11.49 -20.62 -2.41
N TYR A 154 -10.28 -20.42 -1.88
CA TYR A 154 -9.20 -21.37 -2.08
C TYR A 154 -9.08 -22.37 -0.92
N GLY A 155 -10.06 -22.35 -0.02
CA GLY A 155 -10.10 -23.22 1.15
C GLY A 155 -9.19 -22.81 2.29
N LEU A 156 -8.63 -21.61 2.22
CA LEU A 156 -7.64 -21.17 3.19
C LEU A 156 -8.16 -20.49 4.44
N VAL A 157 -7.32 -20.50 5.49
CA VAL A 157 -7.63 -19.85 6.76
C VAL A 157 -6.61 -18.79 7.13
N GLN A 158 -7.04 -17.84 7.93
CA GLN A 158 -6.14 -16.78 8.38
C GLN A 158 -5.29 -17.26 9.55
N VAL A 159 -3.97 -17.11 9.39
CA VAL A 159 -2.98 -17.44 10.43
C VAL A 159 -2.84 -16.21 11.33
N VAL A 160 -2.74 -15.05 10.71
CA VAL A 160 -2.68 -13.79 11.46
C VAL A 160 -3.08 -12.62 10.61
N ASP A 161 -3.68 -11.62 11.23
CA ASP A 161 -4.03 -10.39 10.54
C ASP A 161 -2.91 -9.47 11.08
N LEU A 162 -1.95 -9.12 10.22
CA LEU A 162 -0.82 -8.30 10.67
C LEU A 162 -1.21 -6.87 11.06
N GLY A 163 -2.33 -6.40 10.53
CA GLY A 163 -2.83 -5.06 10.90
C GLY A 163 -3.31 -5.14 12.34
N ALA A 164 -4.08 -6.17 12.68
CA ALA A 164 -4.56 -6.36 14.06
C ALA A 164 -3.37 -6.57 15.00
N TRP A 165 -2.36 -7.32 14.55
CA TRP A 165 -1.17 -7.58 15.36
C TRP A 165 -0.42 -6.29 15.64
N TRP A 166 -0.29 -5.46 14.61
CA TRP A 166 0.37 -4.17 14.74
C TRP A 166 -0.40 -3.28 15.73
N GLU A 167 -1.72 -3.27 15.63
CA GLU A 167 -2.54 -2.46 16.52
C GLU A 167 -2.39 -2.92 17.97
N GLU A 168 -2.34 -4.23 18.17
CA GLU A 168 -2.20 -4.77 19.52
C GLU A 168 -0.83 -4.41 20.12
N ARG A 169 0.18 -4.33 19.25
CA ARG A 169 1.55 -4.03 19.66
C ARG A 169 1.84 -2.55 19.89
N THR A 170 1.19 -1.70 19.11
CA THR A 170 1.45 -0.27 19.12
C THR A 170 0.31 0.65 19.50
N GLY A 171 -0.92 0.14 19.44
CA GLY A 171 -2.08 0.97 19.72
C GLY A 171 -2.35 1.96 18.59
N LEU A 172 -1.69 1.74 17.44
CA LEU A 172 -1.82 2.65 16.30
C LEU A 172 -2.30 1.98 15.00
N PRO A 173 -2.82 2.79 14.05
CA PRO A 173 -3.26 2.23 12.77
C PRO A 173 -1.98 1.83 12.03
N LEU A 174 -2.12 1.00 11.00
CA LEU A 174 -0.96 0.57 10.23
C LEU A 174 -0.78 1.39 8.96
N PRO A 175 0.41 1.97 8.75
CA PRO A 175 0.65 2.75 7.53
C PRO A 175 1.01 1.70 6.47
N LEU A 176 0.25 1.64 5.37
CA LEU A 176 0.49 0.62 4.34
C LEU A 176 1.13 1.24 3.11
N GLY A 177 0.46 2.20 2.50
CA GLY A 177 0.98 2.84 1.31
C GLY A 177 0.89 4.37 1.36
N ALA A 178 1.85 5.03 0.72
CA ALA A 178 1.89 6.49 0.69
C ALA A 178 1.99 6.98 -0.75
N ILE A 179 1.73 8.27 -0.97
CA ILE A 179 1.93 8.85 -2.30
C ILE A 179 3.14 9.76 -2.05
N LEU A 180 4.20 9.58 -2.83
CA LEU A 180 5.41 10.35 -2.65
C LEU A 180 5.69 11.28 -3.83
N ALA A 181 6.31 12.43 -3.54
CA ALA A 181 6.69 13.38 -4.58
C ALA A 181 8.23 13.46 -4.50
N ARG A 182 8.88 13.45 -5.66
CA ARG A 182 10.34 13.53 -5.71
C ARG A 182 10.69 15.00 -5.36
N ARG A 183 11.65 15.16 -4.47
CA ARG A 183 12.02 16.49 -4.01
C ARG A 183 12.41 17.52 -5.06
N ASP A 184 13.02 17.09 -6.16
CA ASP A 184 13.41 18.04 -7.21
C ASP A 184 12.22 18.79 -7.83
N LEU A 185 10.99 18.42 -7.50
CA LEU A 185 9.85 19.10 -8.06
C LEU A 185 9.65 20.52 -7.53
N GLY A 186 10.21 20.81 -6.36
CA GLY A 186 10.04 22.13 -5.80
C GLY A 186 8.92 22.12 -4.79
N GLU A 187 9.14 22.80 -3.68
CA GLU A 187 8.20 22.86 -2.59
C GLU A 187 6.77 23.31 -2.93
N GLY A 188 6.64 24.39 -3.71
CA GLY A 188 5.33 24.88 -4.06
C GLY A 188 4.48 23.90 -4.83
N LEU A 189 5.08 23.31 -5.85
CA LEU A 189 4.39 22.33 -6.67
C LEU A 189 3.99 21.13 -5.83
N ILE A 190 4.89 20.68 -4.96
CA ILE A 190 4.58 19.53 -4.12
C ILE A 190 3.37 19.83 -3.24
N ARG A 191 3.32 21.01 -2.63
CA ARG A 191 2.15 21.37 -1.82
C ARG A 191 0.87 21.40 -2.66
N ALA A 192 0.99 21.92 -3.88
CA ALA A 192 -0.17 22.00 -4.76
C ALA A 192 -0.60 20.59 -5.15
N LEU A 193 0.35 19.69 -5.35
CA LEU A 193 0.01 18.31 -5.69
C LEU A 193 -0.69 17.64 -4.50
N ASP A 194 -0.24 17.93 -3.28
CA ASP A 194 -0.88 17.34 -2.12
C ASP A 194 -2.35 17.80 -2.10
N GLU A 195 -2.60 19.09 -2.32
CA GLU A 195 -3.97 19.59 -2.35
C GLU A 195 -4.80 18.97 -3.47
N ALA A 196 -4.17 18.74 -4.63
CA ALA A 196 -4.87 18.15 -5.76
C ALA A 196 -5.28 16.70 -5.48
N VAL A 197 -4.37 15.93 -4.89
CA VAL A 197 -4.66 14.54 -4.57
C VAL A 197 -5.77 14.51 -3.52
N ARG A 198 -5.73 15.38 -2.51
CA ARG A 198 -6.80 15.41 -1.51
C ARG A 198 -8.12 15.68 -2.22
N ARG A 199 -8.13 16.62 -3.18
CA ARG A 199 -9.36 16.92 -3.91
C ARG A 199 -9.85 15.71 -4.69
N SER A 200 -8.91 14.95 -5.26
CA SER A 200 -9.27 13.76 -6.03
C SER A 200 -9.92 12.71 -5.14
N VAL A 201 -9.36 12.51 -3.94
CA VAL A 201 -9.96 11.56 -3.01
C VAL A 201 -11.36 12.03 -2.62
N ALA A 202 -11.47 13.32 -2.29
CA ALA A 202 -12.76 13.84 -1.90
C ALA A 202 -13.79 13.72 -3.02
N TYR A 203 -13.37 13.92 -4.27
CA TYR A 203 -14.29 13.80 -5.39
C TYR A 203 -14.84 12.38 -5.54
N ALA A 204 -13.97 11.37 -5.45
CA ALA A 204 -14.43 10.00 -5.57
C ALA A 204 -15.34 9.64 -4.39
N LEU A 205 -15.04 10.15 -3.21
CA LEU A 205 -15.88 9.86 -2.04
C LEU A 205 -17.29 10.41 -2.25
N ALA A 206 -17.37 11.55 -2.93
CA ALA A 206 -18.64 12.19 -3.20
C ALA A 206 -19.42 11.63 -4.39
N HIS A 207 -18.69 11.10 -5.37
CA HIS A 207 -19.27 10.55 -6.62
C HIS A 207 -18.61 9.21 -6.90
N PRO A 208 -18.75 8.24 -5.98
CA PRO A 208 -18.09 6.95 -6.21
C PRO A 208 -18.41 6.19 -7.50
N GLU A 209 -19.67 6.25 -7.91
CA GLU A 209 -20.09 5.55 -9.12
C GLU A 209 -19.36 6.05 -10.37
N GLU A 210 -18.92 7.31 -10.36
CA GLU A 210 -18.22 7.90 -11.51
C GLU A 210 -16.89 7.23 -11.79
N ALA A 211 -16.32 6.63 -10.76
CA ALA A 211 -15.02 5.96 -10.88
C ALA A 211 -15.11 4.48 -11.23
N LEU A 212 -16.33 3.93 -11.24
CA LEU A 212 -16.50 2.50 -11.48
C LEU A 212 -15.93 1.98 -12.81
N ASP A 213 -16.23 2.65 -13.91
CA ASP A 213 -15.72 2.17 -15.20
C ASP A 213 -14.20 2.09 -15.21
N TYR A 214 -13.56 3.10 -14.61
CA TYR A 214 -12.10 3.16 -14.55
C TYR A 214 -11.55 2.04 -13.64
N MET A 215 -12.19 1.81 -12.49
CA MET A 215 -11.74 0.75 -11.60
C MET A 215 -11.89 -0.60 -12.27
N ARG A 216 -13.03 -0.83 -12.92
CA ARG A 216 -13.25 -2.10 -13.65
C ARG A 216 -12.22 -2.30 -14.77
N ALA A 217 -11.89 -1.24 -15.50
CA ALA A 217 -10.96 -1.33 -16.62
C ALA A 217 -9.58 -1.84 -16.25
N HIS A 218 -9.15 -1.50 -15.04
CA HIS A 218 -7.85 -1.92 -14.57
C HIS A 218 -7.84 -3.13 -13.64
N ALA A 219 -9.03 -3.60 -13.26
CA ALA A 219 -9.12 -4.80 -12.41
C ALA A 219 -10.19 -5.66 -13.06
N GLN A 220 -9.91 -6.11 -14.28
CA GLN A 220 -10.90 -6.86 -15.03
C GLN A 220 -11.27 -8.22 -14.49
N GLU A 221 -10.47 -8.74 -13.58
CA GLU A 221 -10.76 -10.05 -13.00
C GLU A 221 -11.67 -9.97 -11.78
N LEU A 222 -11.94 -8.75 -11.33
CA LEU A 222 -12.75 -8.55 -10.14
C LEU A 222 -14.22 -8.30 -10.39
N SER A 223 -15.05 -8.90 -9.56
CA SER A 223 -16.49 -8.70 -9.62
C SER A 223 -16.78 -7.32 -9.01
N ASP A 224 -17.91 -6.72 -9.35
CA ASP A 224 -18.26 -5.43 -8.76
C ASP A 224 -18.34 -5.55 -7.23
N GLU A 225 -18.86 -6.66 -6.73
CA GLU A 225 -18.96 -6.84 -5.29
C GLU A 225 -17.59 -6.71 -4.64
N VAL A 226 -16.58 -7.32 -5.26
CA VAL A 226 -15.23 -7.24 -4.71
C VAL A 226 -14.64 -5.84 -4.88
N ILE A 227 -14.90 -5.20 -6.00
CA ILE A 227 -14.40 -3.83 -6.20
C ILE A 227 -14.96 -2.91 -5.12
N TRP A 228 -16.27 -2.98 -4.87
CA TRP A 228 -16.86 -2.12 -3.85
C TRP A 228 -16.37 -2.44 -2.43
N ALA A 229 -16.14 -3.72 -2.12
CA ALA A 229 -15.62 -4.10 -0.82
C ALA A 229 -14.20 -3.58 -0.68
N HIS A 230 -13.45 -3.65 -1.76
CA HIS A 230 -12.05 -3.23 -1.73
C HIS A 230 -11.93 -1.72 -1.45
N VAL A 231 -12.67 -0.89 -2.16
CA VAL A 231 -12.55 0.53 -1.87
C VAL A 231 -13.10 0.85 -0.50
N HIS A 232 -14.16 0.16 -0.07
CA HIS A 232 -14.71 0.43 1.25
C HIS A 232 -13.68 0.12 2.35
N THR A 233 -12.91 -0.95 2.14
CA THR A 233 -11.91 -1.35 3.10
C THR A 233 -10.64 -0.48 3.11
N TYR A 234 -10.14 -0.14 1.94
CA TYR A 234 -8.88 0.57 1.85
C TYR A 234 -8.85 2.07 1.78
N VAL A 235 -9.99 2.67 1.48
CA VAL A 235 -10.07 4.14 1.41
C VAL A 235 -10.84 4.57 2.65
N ASN A 236 -10.21 5.43 3.46
CA ASN A 236 -10.85 5.87 4.70
C ASN A 236 -10.36 7.28 5.04
N ALA A 237 -10.57 7.72 6.28
CA ALA A 237 -10.19 9.08 6.65
C ALA A 237 -8.72 9.36 6.39
N PHE A 238 -7.88 8.35 6.60
CA PHE A 238 -6.44 8.55 6.39
C PHE A 238 -6.09 8.80 4.93
N SER A 239 -6.94 8.42 3.99
CA SER A 239 -6.71 8.67 2.55
C SER A 239 -6.88 10.16 2.23
N LEU A 240 -7.68 10.86 3.03
CA LEU A 240 -7.83 12.31 2.83
C LEU A 240 -6.67 13.03 3.49
N ASP A 241 -6.29 12.60 4.70
CA ASP A 241 -5.18 13.21 5.43
C ASP A 241 -4.67 12.23 6.46
N VAL A 242 -3.35 12.06 6.52
CA VAL A 242 -2.77 11.13 7.49
C VAL A 242 -3.14 11.50 8.92
N GLY A 243 -3.31 12.79 9.17
CA GLY A 243 -3.71 13.21 10.49
C GLY A 243 -2.67 13.04 11.57
N GLU A 244 -3.03 13.47 12.77
CA GLU A 244 -2.13 13.41 13.89
C GLU A 244 -1.79 11.97 14.26
N GLU A 245 -2.79 11.08 14.24
CA GLU A 245 -2.53 9.69 14.60
C GLU A 245 -1.76 8.98 13.49
N GLY A 246 -2.09 9.29 12.23
CA GLY A 246 -1.37 8.71 11.10
C GLY A 246 0.10 9.06 11.17
N GLU A 247 0.42 10.31 11.52
CA GLU A 247 1.80 10.72 11.64
C GLU A 247 2.53 9.94 12.72
N ARG A 248 1.86 9.74 13.85
CA ARG A 248 2.45 8.98 14.94
C ARG A 248 2.69 7.54 14.50
N ALA A 249 1.75 6.99 13.73
CA ALA A 249 1.88 5.61 13.25
C ALA A 249 3.06 5.46 12.29
N VAL A 250 3.23 6.42 11.37
CA VAL A 250 4.36 6.37 10.45
C VAL A 250 5.67 6.53 11.24
N ALA A 251 5.68 7.43 12.22
CA ALA A 251 6.89 7.60 13.02
C ALA A 251 7.24 6.27 13.72
N ARG A 252 6.23 5.57 14.25
CA ARG A 252 6.45 4.30 14.94
C ARG A 252 6.93 3.24 13.96
N LEU A 253 6.34 3.19 12.76
CA LEU A 253 6.79 2.23 11.76
C LEU A 253 8.27 2.47 11.43
N PHE A 254 8.66 3.73 11.23
CA PHE A 254 10.04 4.01 10.88
C PHE A 254 10.98 3.77 12.06
N ALA A 255 10.50 4.00 13.28
CA ALA A 255 11.31 3.74 14.49
C ALA A 255 11.62 2.24 14.53
N GLU A 256 10.61 1.41 14.23
CA GLU A 256 10.85 -0.04 14.24
C GLU A 256 11.83 -0.44 13.14
N ALA A 257 11.76 0.21 11.98
CA ALA A 257 12.69 -0.13 10.93
C ALA A 257 14.10 0.28 11.34
N GLU A 258 14.23 1.49 11.87
CA GLU A 258 15.56 1.97 12.30
C GLU A 258 16.14 1.06 13.38
N ALA A 259 15.30 0.55 14.28
CA ALA A 259 15.78 -0.32 15.37
C ALA A 259 16.38 -1.61 14.85
N ARG A 260 16.06 -1.95 13.59
CA ARG A 260 16.60 -3.16 12.97
C ARG A 260 17.57 -2.82 11.85
N GLY A 261 17.95 -1.56 11.77
CA GLY A 261 18.89 -1.16 10.74
C GLY A 261 18.35 -1.33 9.34
N LEU A 262 17.02 -1.32 9.20
CA LEU A 262 16.44 -1.49 7.87
C LEU A 262 16.37 -0.16 7.14
N ALA A 263 16.39 0.93 7.91
CA ALA A 263 16.33 2.28 7.39
C ALA A 263 17.22 3.22 8.21
N ALA A 264 17.76 4.24 7.55
CA ALA A 264 18.64 5.20 8.21
C ALA A 264 17.81 6.36 8.74
N PRO A 265 18.12 6.82 9.96
CA PRO A 265 17.33 7.94 10.48
C PRO A 265 17.57 9.17 9.61
N SER A 266 16.68 10.15 9.72
CA SER A 266 16.81 11.36 8.93
C SER A 266 16.15 12.49 9.68
N PRO A 267 16.69 13.70 9.55
CA PRO A 267 16.07 14.82 10.25
C PRO A 267 14.94 15.44 9.43
N ARG A 268 14.81 15.00 8.18
CA ARG A 268 13.80 15.55 7.29
C ARG A 268 12.38 15.21 7.72
N PRO A 269 11.47 16.19 7.67
CA PRO A 269 10.09 15.89 8.05
C PRO A 269 9.57 14.79 7.13
N LEU A 270 8.68 13.98 7.66
CA LEU A 270 8.12 12.87 6.91
C LEU A 270 7.13 13.32 5.87
N PHE A 271 6.41 14.40 6.16
CA PHE A 271 5.37 14.87 5.25
C PHE A 271 5.56 16.30 4.74
N VAL A 272 4.92 16.57 3.59
CA VAL A 272 4.88 17.86 2.94
C VAL A 272 4.28 18.86 3.93
#